data_3WQ0
#
_entry.id   3WQ0
#
_cell.length_a   57.900
_cell.length_b   118.180
_cell.length_c   46.700
_cell.angle_alpha   90.000
_cell.angle_beta   90.000
_cell.angle_gamma   90.000
#
_symmetry.space_group_name_H-M   'P 21 21 2'
#
loop_
_entity.id
_entity.type
_entity.pdbx_description
1 polymer 'Endoglucanase A'
2 branched beta-D-glucopyranose-(1-4)-beta-D-glucopyranose-(1-4)-beta-D-glucopyranose-(1-4)-beta-D-glucopyranose
3 non-polymer 'CALCIUM ION'
4 non-polymer '2-[N-CYCLOHEXYLAMINO]ETHANE SULFONIC ACID'
5 non-polymer GLYCEROL
6 water water
#
_entity_poly.entity_id   1
_entity_poly.type   'polypeptide(L)'
_entity_poly.pdbx_seq_one_letter_code
;MSKKKFVIVSILTILLVQAIYFVEKYHTSEDKSTSNTSSTPPQTTLSTTKVLKIRYPDDGEWPGAPIDKDGDGNPEFYIE
INLWNILNATGFAEMTYNLTSGVLHYVQQLDNIVLRDRSNWVHGYPEIFYGNKPWNANYATDGPIPLPSKVSNLTDFYLT
ISYKLEPKNGLPINFAIESWLTREAWRTTGINSDEQEVMIWIYYDGLQPAGSKVKEIVVPIIVNGTPVNATFEVWKANIG
WEYVAFRIKTPIKEGTVTIPYGAFISVAANISSLPNYTELYLEDVEIGTEFGTPSTTSAHLEWWITNITLTPLDRPLIS
;
_entity_poly.pdbx_strand_id   A
#
# COMPACT_ATOMS: atom_id res chain seq x y z
N LYS A 50 -0.66 22.50 12.10
CA LYS A 50 -1.73 21.58 12.43
C LYS A 50 -2.16 20.75 11.25
N VAL A 51 -1.88 21.20 10.02
CA VAL A 51 -2.24 20.43 8.80
C VAL A 51 -1.04 20.34 7.91
N LEU A 52 -0.71 19.14 7.50
CA LEU A 52 0.37 18.95 6.56
C LEU A 52 -0.29 18.85 5.15
N LYS A 53 0.31 19.45 4.15
CA LYS A 53 -0.26 19.38 2.79
C LYS A 53 0.89 19.17 1.85
N ILE A 54 0.75 18.22 0.92
CA ILE A 54 1.70 18.03 -0.22
C ILE A 54 0.87 18.06 -1.46
N ARG A 55 1.46 18.53 -2.56
CA ARG A 55 0.70 18.71 -3.78
C ARG A 55 1.56 18.50 -5.00
N TYR A 56 1.03 17.71 -5.96
CA TYR A 56 1.60 17.57 -7.28
C TYR A 56 0.76 18.45 -8.23
N PRO A 57 1.41 19.20 -9.16
CA PRO A 57 2.85 19.22 -9.44
C PRO A 57 3.58 20.31 -8.71
N ASP A 58 2.87 21.09 -7.83
CA ASP A 58 3.47 22.26 -7.18
C ASP A 58 4.75 21.97 -6.42
N ASP A 59 4.79 20.84 -5.71
CA ASP A 59 5.89 20.49 -4.90
C ASP A 59 6.85 19.60 -5.69
N GLY A 60 6.75 19.58 -7.01
CA GLY A 60 7.58 18.68 -7.83
C GLY A 60 6.85 17.43 -8.24
N GLU A 61 7.57 16.61 -8.98
CA GLU A 61 6.99 15.37 -9.49
C GLU A 61 6.91 14.28 -8.44
N TRP A 62 7.50 14.46 -7.26
CA TRP A 62 7.62 13.41 -6.28
C TRP A 62 7.31 13.94 -4.89
N PRO A 63 6.13 14.55 -4.65
CA PRO A 63 5.86 15.13 -3.30
C PRO A 63 5.70 14.02 -2.26
N GLY A 64 6.19 14.29 -1.05
CA GLY A 64 6.02 13.38 0.08
C GLY A 64 6.38 14.08 1.35
N ALA A 65 6.02 13.52 2.49
CA ALA A 65 6.34 14.16 3.75
C ALA A 65 6.20 13.17 4.89
N PRO A 66 6.91 13.38 5.95
CA PRO A 66 6.73 12.59 7.16
C PRO A 66 5.55 13.07 7.97
N ILE A 67 4.87 12.16 8.66
CA ILE A 67 3.93 12.53 9.73
C ILE A 67 4.65 12.29 11.01
N ASP A 68 4.88 13.35 11.77
CA ASP A 68 5.69 13.26 13.02
C ASP A 68 4.96 14.12 14.05
N LYS A 69 3.92 13.59 14.65
CA LYS A 69 3.02 14.41 15.45
C LYS A 69 3.72 14.92 16.72
N ASP A 70 4.64 14.15 17.32
CA ASP A 70 5.34 14.61 18.52
C ASP A 70 6.59 15.39 18.17
N GLY A 71 6.88 15.59 16.86
CA GLY A 71 8.06 16.40 16.47
C GLY A 71 9.39 15.78 16.95
N ASP A 72 9.47 14.45 17.11
CA ASP A 72 10.65 13.86 17.64
C ASP A 72 11.62 13.37 16.60
N GLY A 73 11.42 13.67 15.34
CA GLY A 73 12.36 13.30 14.29
C GLY A 73 12.22 11.89 13.83
N ASN A 74 11.28 11.10 14.36
CA ASN A 74 11.03 9.73 13.90
C ASN A 74 9.58 9.73 13.47
N PRO A 75 9.28 9.66 12.16
CA PRO A 75 7.88 9.75 11.75
C PRO A 75 7.10 8.52 12.23
N GLU A 76 5.82 8.76 12.54
CA GLU A 76 4.89 7.64 12.76
C GLU A 76 4.45 6.97 11.43
N PHE A 77 4.34 7.82 10.40
CA PHE A 77 3.94 7.34 9.07
C PHE A 77 4.64 8.26 8.08
N TYR A 78 4.64 7.89 6.80
CA TYR A 78 5.17 8.75 5.76
C TYR A 78 4.19 8.75 4.61
N ILE A 79 3.92 9.85 3.99
CA ILE A 79 2.98 9.97 2.89
C ILE A 79 3.68 10.31 1.62
N GLU A 80 3.22 9.72 0.51
CA GLU A 80 3.76 10.02 -0.80
C GLU A 80 2.62 10.08 -1.83
N ILE A 81 2.60 11.10 -2.67
CA ILE A 81 1.61 11.10 -3.78
C ILE A 81 1.97 10.02 -4.78
N ASN A 82 3.29 9.78 -5.02
CA ASN A 82 3.74 8.59 -5.71
C ASN A 82 3.08 8.35 -7.03
N LEU A 83 3.05 9.36 -7.89
CA LEU A 83 2.60 9.22 -9.26
C LEU A 83 3.74 8.71 -10.07
N TRP A 84 4.19 7.47 -9.77
CA TRP A 84 5.50 7.02 -10.16
C TRP A 84 5.57 6.68 -11.63
N ASN A 85 4.41 6.44 -12.27
CA ASN A 85 4.41 6.14 -13.69
C ASN A 85 3.75 7.25 -14.51
N ILE A 86 3.59 8.48 -13.97
CA ILE A 86 3.07 9.56 -14.82
C ILE A 86 4.22 10.39 -15.26
N LEU A 87 4.35 10.55 -16.60
CA LEU A 87 5.31 11.48 -17.19
C LEU A 87 4.77 12.88 -17.18
N ASN A 88 3.52 13.07 -17.60
CA ASN A 88 2.93 14.42 -17.63
C ASN A 88 1.45 14.27 -17.49
N ALA A 89 0.82 15.25 -16.85
CA ALA A 89 -0.65 15.31 -16.74
C ALA A 89 -1.02 16.72 -16.52
N THR A 90 -2.25 17.08 -16.90
CA THR A 90 -2.83 18.32 -16.42
C THR A 90 -3.54 18.08 -15.11
N GLY A 91 -3.89 19.13 -14.36
CA GLY A 91 -4.51 18.96 -13.10
C GLY A 91 -3.58 18.87 -11.92
N PHE A 92 -4.06 18.20 -10.87
CA PHE A 92 -3.31 18.18 -9.63
C PHE A 92 -3.66 16.96 -8.83
N ALA A 93 -2.84 16.71 -7.82
CA ALA A 93 -3.16 15.72 -6.79
C ALA A 93 -2.69 16.32 -5.47
N GLU A 94 -3.46 16.18 -4.41
CA GLU A 94 -3.09 16.85 -3.15
C GLU A 94 -3.44 15.91 -2.01
N MET A 95 -2.53 15.79 -1.06
N MET A 95 -2.58 15.85 -1.02
CA MET A 95 -2.74 14.95 0.12
CA MET A 95 -2.95 15.22 0.23
C MET A 95 -2.48 15.75 1.39
C MET A 95 -2.99 16.24 1.33
N THR A 96 -3.44 15.71 2.31
N THR A 96 -3.96 16.11 2.22
CA THR A 96 -3.47 16.60 3.44
CA THR A 96 -3.84 16.81 3.52
C THR A 96 -3.81 15.76 4.64
C THR A 96 -3.72 15.74 4.69
N TYR A 97 -3.22 16.12 5.74
N TYR A 97 -2.78 15.89 5.65
CA TYR A 97 -3.26 15.29 6.88
CA TYR A 97 -3.00 15.17 6.95
C TYR A 97 -3.43 16.23 8.04
C TYR A 97 -3.30 16.21 8.05
N ASN A 98 -4.52 16.02 8.77
N ASN A 98 -4.44 16.11 8.70
CA ASN A 98 -4.83 16.79 9.99
CA ASN A 98 -4.69 17.09 9.78
C ASN A 98 -4.13 16.04 11.12
C ASN A 98 -4.21 16.43 11.06
N LEU A 99 -3.19 16.73 11.78
N LEU A 99 -3.15 17.02 11.66
CA LEU A 99 -2.39 16.05 12.78
CA LEU A 99 -2.52 16.44 12.84
C LEU A 99 -3.19 15.77 14.04
C LEU A 99 -3.48 16.51 14.02
N THR A 100 -4.27 16.56 14.32
N THR A 100 -4.36 17.52 14.05
CA THR A 100 -5.14 16.34 15.49
CA THR A 100 -5.28 17.81 15.13
C THR A 100 -6.13 15.20 15.28
C THR A 100 -6.50 16.91 15.06
N SER A 101 -6.87 15.25 14.15
N SER A 101 -7.03 16.63 13.87
CA SER A 101 -7.86 14.16 13.90
CA SER A 101 -8.24 15.81 13.78
C SER A 101 -7.24 12.89 13.31
C SER A 101 -7.96 14.35 13.45
N GLY A 102 -6.02 13.03 12.76
N GLY A 102 -6.73 14.07 13.00
CA GLY A 102 -5.39 11.95 12.06
CA GLY A 102 -6.29 12.70 12.59
C GLY A 102 -6.09 11.68 10.78
C GLY A 102 -6.90 12.03 11.35
N VAL A 103 -6.92 12.67 10.23
CA VAL A 103 -7.50 12.25 8.95
C VAL A 103 -6.53 12.58 7.77
N LEU A 104 -6.27 11.57 6.95
CA LEU A 104 -5.56 11.78 5.70
C LEU A 104 -6.57 11.85 4.56
N HIS A 105 -6.50 12.90 3.77
CA HIS A 105 -7.49 13.11 2.70
C HIS A 105 -6.72 13.34 1.42
N TYR A 106 -7.06 12.54 0.41
CA TYR A 106 -6.41 12.61 -0.90
C TYR A 106 -7.42 13.06 -1.91
N VAL A 107 -7.02 14.06 -2.72
CA VAL A 107 -7.88 14.60 -3.79
C VAL A 107 -7.06 14.66 -5.07
N GLN A 108 -7.55 13.99 -6.11
CA GLN A 108 -6.81 13.91 -7.36
C GLN A 108 -7.74 14.24 -8.52
N GLN A 109 -7.30 15.18 -9.38
CA GLN A 109 -7.92 15.56 -10.65
C GLN A 109 -6.96 15.68 -11.70
N LEU A 110 -6.65 14.50 -12.35
CA LEU A 110 -5.64 14.46 -13.37
C LEU A 110 -6.27 14.18 -14.74
N ASP A 111 -5.82 14.89 -15.73
CA ASP A 111 -6.26 14.65 -17.09
C ASP A 111 -5.07 14.68 -18.01
N ASN A 112 -5.29 14.40 -19.32
CA ASN A 112 -4.20 14.44 -20.29
C ASN A 112 -3.02 13.52 -19.82
N ILE A 113 -3.33 12.37 -19.21
CA ILE A 113 -2.22 11.63 -18.59
C ILE A 113 -1.40 10.93 -19.64
N VAL A 114 -0.11 11.10 -19.56
CA VAL A 114 0.86 10.36 -20.38
C VAL A 114 1.76 9.61 -19.44
N LEU A 115 1.97 8.32 -19.65
CA LEU A 115 2.77 7.50 -18.73
C LEU A 115 4.24 7.50 -19.03
N ARG A 116 5.04 7.17 -18.05
N ARG A 116 5.04 7.23 -17.99
CA ARG A 116 6.47 6.99 -18.28
CA ARG A 116 6.51 7.09 -18.15
C ARG A 116 6.73 5.75 -19.11
C ARG A 116 6.84 5.85 -18.92
N ASP A 117 6.07 4.71 -18.72
CA ASP A 117 6.29 3.44 -19.38
C ASP A 117 4.99 2.65 -19.32
N ARG A 118 4.33 2.49 -20.45
N ARG A 118 4.34 2.49 -20.47
CA ARG A 118 3.04 1.81 -20.45
CA ARG A 118 3.06 1.78 -20.55
C ARG A 118 3.13 0.36 -19.99
C ARG A 118 3.14 0.37 -20.00
N SER A 119 4.30 -0.28 -20.08
CA SER A 119 4.40 -1.64 -19.58
C SER A 119 4.24 -1.74 -18.04
N ASN A 120 4.42 -0.65 -17.28
N ASN A 120 4.35 -0.60 -17.38
CA ASN A 120 4.13 -0.58 -15.82
CA ASN A 120 4.19 -0.69 -15.96
C ASN A 120 2.64 -0.67 -15.48
C ASN A 120 2.74 -0.55 -15.52
N TRP A 121 1.83 -0.41 -16.50
CA TRP A 121 0.35 -0.62 -16.37
C TRP A 121 -0.37 0.51 -15.62
N VAL A 122 -0.18 0.57 -14.31
CA VAL A 122 -0.82 1.58 -13.50
C VAL A 122 -0.09 2.89 -13.61
N HIS A 123 -0.76 3.97 -13.12
CA HIS A 123 -0.24 5.31 -13.19
C HIS A 123 0.56 5.68 -11.94
N GLY A 124 0.12 5.18 -10.79
CA GLY A 124 0.70 5.61 -9.51
C GLY A 124 0.04 4.88 -8.40
N TYR A 125 0.53 5.20 -7.18
CA TYR A 125 0.06 4.53 -5.94
C TYR A 125 0.21 5.54 -4.79
N PRO A 126 -0.67 6.59 -4.76
CA PRO A 126 -0.65 7.50 -3.60
C PRO A 126 -0.93 6.71 -2.38
N GLU A 127 -0.17 7.03 -1.30
CA GLU A 127 -0.06 6.07 -0.21
C GLU A 127 0.42 6.71 1.08
N ILE A 128 0.25 5.94 2.14
CA ILE A 128 0.83 6.22 3.46
C ILE A 128 1.48 4.93 3.90
N PHE A 129 2.64 5.03 4.54
CA PHE A 129 3.30 3.77 4.94
C PHE A 129 3.97 3.89 6.30
N TYR A 130 4.20 2.72 6.87
CA TYR A 130 4.99 2.56 8.09
C TYR A 130 6.17 1.69 7.77
N GLY A 131 7.33 1.97 8.36
CA GLY A 131 8.56 1.21 8.15
C GLY A 131 9.44 1.90 7.15
N ASN A 132 10.27 1.10 6.47
CA ASN A 132 11.26 1.69 5.49
C ASN A 132 10.80 1.35 4.10
N LYS A 133 10.36 2.33 3.31
CA LYS A 133 10.01 1.98 1.90
C LYS A 133 11.34 1.81 1.13
N PRO A 134 11.52 0.67 0.44
CA PRO A 134 12.88 0.31 -0.03
C PRO A 134 13.26 0.95 -1.34
N TRP A 135 12.36 1.74 -1.93
CA TRP A 135 12.63 2.45 -3.20
C TRP A 135 13.23 3.83 -2.99
N ASN A 136 13.33 4.27 -1.75
CA ASN A 136 13.83 5.67 -1.53
C ASN A 136 14.26 5.79 -0.10
N ALA A 137 14.67 6.99 0.31
CA ALA A 137 15.21 7.22 1.63
C ALA A 137 14.12 7.65 2.63
N ASN A 138 12.87 7.35 2.36
CA ASN A 138 11.81 7.72 3.26
C ASN A 138 11.48 6.61 4.20
N TYR A 139 11.14 6.95 5.44
CA TYR A 139 10.90 5.93 6.47
C TYR A 139 10.00 6.52 7.57
N ALA A 140 9.46 5.63 8.36
CA ALA A 140 8.65 5.95 9.54
C ALA A 140 8.77 4.81 10.50
N THR A 141 9.38 5.02 11.65
CA THR A 141 9.61 3.90 12.59
C THR A 141 9.14 4.18 13.97
N ASP A 142 8.27 5.19 14.15
CA ASP A 142 7.72 5.50 15.49
C ASP A 142 6.43 4.79 15.63
N GLY A 143 6.46 3.53 16.02
CA GLY A 143 5.25 2.72 16.15
C GLY A 143 5.60 1.45 16.91
N PRO A 144 4.63 0.60 17.19
CA PRO A 144 4.82 -0.58 18.06
C PRO A 144 5.47 -1.73 17.37
N ILE A 145 5.38 -1.82 16.08
CA ILE A 145 5.97 -3.01 15.37
C ILE A 145 7.34 -2.60 14.88
N PRO A 146 8.39 -3.39 15.15
CA PRO A 146 9.73 -2.90 14.78
C PRO A 146 9.98 -3.31 13.32
N LEU A 147 9.65 -2.49 12.37
CA LEU A 147 10.00 -2.74 10.98
C LEU A 147 11.09 -1.76 10.62
N PRO A 148 12.06 -2.19 9.80
CA PRO A 148 12.21 -3.57 9.27
C PRO A 148 12.59 -4.62 10.34
N SER A 149 12.17 -5.85 10.14
CA SER A 149 12.70 -7.00 10.90
C SER A 149 12.68 -8.19 10.01
N LYS A 150 13.57 -9.11 10.31
CA LYS A 150 13.55 -10.41 9.63
C LYS A 150 12.23 -11.10 9.88
N VAL A 151 11.71 -11.76 8.86
CA VAL A 151 10.45 -12.44 9.05
C VAL A 151 10.51 -13.52 10.09
N SER A 152 11.67 -14.18 10.26
CA SER A 152 11.85 -15.18 11.28
C SER A 152 11.78 -14.62 12.70
N ASN A 153 11.94 -13.29 12.90
CA ASN A 153 11.97 -12.67 14.23
C ASN A 153 10.77 -11.83 14.52
N LEU A 154 9.91 -11.61 13.60
CA LEU A 154 8.82 -10.69 13.75
C LEU A 154 7.64 -11.37 14.37
N THR A 155 6.96 -10.63 15.23
CA THR A 155 5.66 -11.05 15.68
C THR A 155 4.60 -10.89 14.57
N ASP A 156 3.56 -11.72 14.61
CA ASP A 156 2.31 -11.44 13.88
C ASP A 156 1.70 -10.17 14.41
N PHE A 157 0.84 -9.56 13.61
CA PHE A 157 0.16 -8.39 14.02
C PHE A 157 -1.11 -8.21 13.26
N TYR A 158 -2.11 -7.53 13.87
CA TYR A 158 -3.29 -7.08 13.15
C TYR A 158 -3.01 -5.71 12.57
N LEU A 159 -3.53 -5.49 11.37
CA LEU A 159 -3.55 -4.18 10.73
C LEU A 159 -5.01 -3.77 10.63
N THR A 160 -5.35 -2.62 11.19
CA THR A 160 -6.72 -2.05 11.14
C THR A 160 -6.65 -0.76 10.39
N ILE A 161 -7.54 -0.59 9.42
CA ILE A 161 -7.61 0.64 8.63
C ILE A 161 -9.08 1.05 8.56
N SER A 162 -9.32 2.35 8.77
CA SER A 162 -10.64 2.95 8.53
C SER A 162 -10.54 3.87 7.38
N TYR A 163 -11.41 3.75 6.39
CA TYR A 163 -11.21 4.46 5.11
C TYR A 163 -12.50 4.59 4.35
N LYS A 164 -12.44 5.42 3.31
CA LYS A 164 -13.54 5.54 2.39
C LYS A 164 -12.98 5.91 1.02
N LEU A 165 -13.35 5.21 -0.04
CA LEU A 165 -12.83 5.44 -1.37
C LEU A 165 -13.89 6.01 -2.27
N GLU A 166 -13.55 6.99 -3.09
CA GLU A 166 -14.51 7.60 -4.05
C GLU A 166 -13.80 7.81 -5.39
N PRO A 167 -13.52 6.74 -6.17
CA PRO A 167 -13.05 6.88 -7.54
C PRO A 167 -14.17 7.44 -8.41
N LYS A 168 -13.85 8.23 -9.40
CA LYS A 168 -14.89 8.85 -10.24
C LYS A 168 -14.91 8.24 -11.59
N ASN A 169 -16.11 8.08 -12.14
CA ASN A 169 -16.36 7.64 -13.56
C ASN A 169 -15.71 6.29 -14.00
N GLY A 170 -15.68 5.33 -13.10
CA GLY A 170 -15.20 4.03 -13.45
C GLY A 170 -13.67 3.92 -13.52
N LEU A 171 -12.92 4.84 -12.98
CA LEU A 171 -11.47 4.74 -12.93
C LEU A 171 -11.04 3.39 -12.37
N PRO A 172 -10.17 2.66 -13.11
CA PRO A 172 -9.61 1.42 -12.53
C PRO A 172 -8.78 1.71 -11.29
N ILE A 173 -9.16 1.17 -10.12
N ILE A 173 -8.91 0.90 -10.26
CA ILE A 173 -8.41 1.37 -8.88
CA ILE A 173 -8.33 1.27 -9.01
C ILE A 173 -8.35 0.15 -8.04
C ILE A 173 -8.32 0.11 -8.07
N ASN A 174 -7.44 0.16 -7.09
CA ASN A 174 -7.52 -0.79 -5.96
C ASN A 174 -7.29 -0.02 -4.62
N PHE A 175 -7.51 -0.70 -3.57
CA PHE A 175 -7.04 -0.21 -2.27
C PHE A 175 -6.16 -1.36 -1.80
N ALA A 176 -4.86 -1.15 -1.77
CA ALA A 176 -3.88 -2.23 -1.64
C ALA A 176 -2.94 -1.91 -0.53
N ILE A 177 -2.74 -2.91 0.30
CA ILE A 177 -1.74 -2.87 1.35
C ILE A 177 -0.55 -3.69 0.83
N GLU A 178 0.67 -3.23 0.99
CA GLU A 178 1.77 -4.05 0.52
C GLU A 178 2.97 -3.93 1.39
N SER A 179 3.81 -4.97 1.26
CA SER A 179 5.10 -5.02 1.89
C SER A 179 6.14 -5.48 0.92
N TRP A 180 7.36 -5.05 1.11
CA TRP A 180 8.53 -5.52 0.41
C TRP A 180 9.40 -6.32 1.31
N LEU A 181 9.94 -7.43 0.81
CA LEU A 181 10.78 -8.33 1.63
C LEU A 181 12.13 -8.39 0.95
N THR A 182 13.14 -7.88 1.67
CA THR A 182 14.46 -7.68 1.07
C THR A 182 15.54 -8.50 1.81
N ARG A 183 16.67 -8.69 1.13
CA ARG A 183 17.76 -9.48 1.74
C ARG A 183 18.52 -8.63 2.77
N GLU A 184 18.55 -7.30 2.63
CA GLU A 184 19.25 -6.46 3.61
C GLU A 184 18.22 -5.82 4.51
N ALA A 185 18.72 -5.38 5.70
CA ALA A 185 17.80 -4.85 6.70
C ALA A 185 17.20 -3.53 6.29
N TRP A 186 17.98 -2.62 5.72
CA TRP A 186 17.51 -1.28 5.44
C TRP A 186 17.83 -0.91 3.99
N ARG A 187 17.02 -1.38 3.06
CA ARG A 187 17.22 -1.16 1.64
C ARG A 187 16.67 0.18 1.22
N THR A 188 17.36 0.94 0.39
CA THR A 188 16.82 2.21 -0.11
C THR A 188 17.00 2.43 -1.58
N THR A 189 17.45 1.38 -2.32
CA THR A 189 17.85 1.56 -3.71
C THR A 189 17.13 0.57 -4.62
N GLY A 190 15.99 0.04 -4.24
CA GLY A 190 15.18 -0.82 -5.13
C GLY A 190 15.22 -2.25 -4.68
N ILE A 191 14.85 -3.14 -5.64
CA ILE A 191 14.46 -4.53 -5.33
C ILE A 191 15.11 -5.44 -6.35
N ASN A 192 15.67 -6.59 -5.87
CA ASN A 192 16.35 -7.57 -6.71
C ASN A 192 15.49 -8.79 -6.98
N SER A 193 16.03 -9.64 -7.88
CA SER A 193 15.25 -10.79 -8.40
C SER A 193 15.00 -11.83 -7.35
N ASP A 194 15.78 -11.88 -6.24
CA ASP A 194 15.65 -12.86 -5.20
C ASP A 194 14.86 -12.36 -3.97
N GLU A 195 14.00 -11.37 -4.23
CA GLU A 195 13.23 -10.69 -3.19
C GLU A 195 11.74 -10.74 -3.54
N GLN A 196 10.89 -10.27 -2.62
CA GLN A 196 9.45 -10.45 -2.82
C GLN A 196 8.68 -9.13 -2.58
N GLU A 197 7.63 -9.00 -3.34
CA GLU A 197 6.60 -7.99 -3.12
C GLU A 197 5.33 -8.70 -2.76
N VAL A 198 4.66 -8.32 -1.67
CA VAL A 198 3.40 -8.97 -1.28
C VAL A 198 2.35 -7.85 -1.21
N MET A 199 1.27 -8.01 -1.96
N MET A 199 1.22 -8.08 -1.89
CA MET A 199 0.18 -7.04 -1.83
CA MET A 199 0.14 -7.08 -2.07
C MET A 199 -1.10 -7.73 -1.44
C MET A 199 -1.12 -7.74 -1.44
N ILE A 200 -1.93 -6.95 -0.74
CA ILE A 200 -3.22 -7.42 -0.21
C ILE A 200 -4.26 -6.35 -0.67
N TRP A 201 -5.14 -6.76 -1.59
CA TRP A 201 -6.11 -5.83 -2.12
C TRP A 201 -7.43 -6.04 -1.43
N ILE A 202 -7.91 -5.03 -0.69
CA ILE A 202 -9.19 -5.16 0.00
C ILE A 202 -10.31 -4.41 -0.73
N TYR A 203 -9.98 -3.64 -1.79
CA TYR A 203 -10.94 -3.16 -2.76
C TYR A 203 -10.30 -3.23 -4.12
N TYR A 204 -11.12 -3.41 -5.17
N TYR A 204 -11.06 -3.47 -5.18
CA TYR A 204 -10.60 -3.25 -6.51
CA TYR A 204 -10.60 -3.12 -6.54
C TYR A 204 -11.77 -3.06 -7.43
C TYR A 204 -11.81 -2.95 -7.38
N ASP A 205 -11.53 -2.34 -8.55
CA ASP A 205 -12.48 -2.22 -9.64
C ASP A 205 -11.68 -2.04 -10.90
N GLY A 206 -11.73 -3.05 -11.78
CA GLY A 206 -11.10 -2.79 -13.07
C GLY A 206 -9.57 -3.05 -13.13
N LEU A 207 -8.98 -3.65 -12.07
CA LEU A 207 -7.59 -3.97 -12.06
C LEU A 207 -7.50 -5.44 -11.66
N GLN A 208 -6.48 -6.11 -12.22
CA GLN A 208 -6.17 -7.51 -11.88
C GLN A 208 -4.70 -7.54 -11.47
N PRO A 209 -4.32 -8.40 -10.49
CA PRO A 209 -2.91 -8.49 -10.11
C PRO A 209 -2.05 -9.04 -11.27
N ALA A 210 -0.78 -8.79 -11.19
CA ALA A 210 0.16 -9.33 -12.15
C ALA A 210 0.17 -10.87 -12.02
N GLY A 211 0.58 -11.50 -13.11
CA GLY A 211 0.85 -12.93 -13.14
C GLY A 211 -0.38 -13.80 -13.37
N SER A 212 -0.36 -14.96 -12.70
N SER A 212 -0.47 -14.91 -12.68
CA SER A 212 -1.40 -16.04 -12.79
CA SER A 212 -1.60 -15.78 -12.89
C SER A 212 -2.06 -16.26 -11.45
C SER A 212 -2.10 -16.17 -11.50
N LYS A 213 -3.33 -16.68 -11.51
CA LYS A 213 -4.03 -17.03 -10.28
C LYS A 213 -3.51 -18.41 -9.84
N VAL A 214 -3.16 -18.55 -8.60
CA VAL A 214 -2.72 -19.74 -7.98
C VAL A 214 -3.82 -20.49 -7.30
N LYS A 215 -4.48 -19.84 -6.34
CA LYS A 215 -5.49 -20.51 -5.55
C LYS A 215 -6.38 -19.49 -4.90
N GLU A 216 -7.33 -19.95 -4.10
CA GLU A 216 -8.11 -19.11 -3.21
C GLU A 216 -7.89 -19.58 -1.81
N ILE A 217 -7.79 -18.65 -0.87
CA ILE A 217 -7.63 -18.96 0.55
C ILE A 217 -8.71 -18.29 1.36
N VAL A 218 -8.99 -18.81 2.51
CA VAL A 218 -9.81 -18.13 3.53
C VAL A 218 -8.90 -17.40 4.50
N VAL A 219 -9.29 -16.15 4.84
CA VAL A 219 -8.58 -15.43 5.89
C VAL A 219 -9.68 -14.84 6.82
N PRO A 220 -9.55 -15.09 8.09
CA PRO A 220 -10.52 -14.50 9.04
C PRO A 220 -10.15 -13.04 9.22
N ILE A 221 -11.06 -12.15 8.94
CA ILE A 221 -10.80 -10.71 9.03
C ILE A 221 -11.93 -10.08 9.84
N ILE A 222 -11.89 -8.77 10.13
CA ILE A 222 -12.98 -8.10 10.79
C ILE A 222 -13.43 -6.99 9.85
N VAL A 223 -14.72 -6.94 9.54
CA VAL A 223 -15.24 -5.91 8.67
C VAL A 223 -16.35 -5.20 9.40
N ASN A 224 -16.17 -3.87 9.60
CA ASN A 224 -17.18 -3.09 10.29
C ASN A 224 -17.57 -3.72 11.59
N GLY A 225 -16.56 -4.19 12.35
CA GLY A 225 -16.76 -4.69 13.71
C GLY A 225 -17.18 -6.14 13.80
N THR A 226 -17.49 -6.79 12.66
CA THR A 226 -17.93 -8.17 12.70
C THR A 226 -16.81 -9.11 12.16
N PRO A 227 -16.42 -10.08 12.94
CA PRO A 227 -15.46 -11.09 12.40
C PRO A 227 -16.10 -11.87 11.32
N VAL A 228 -15.32 -12.12 10.27
N VAL A 228 -15.44 -12.01 10.16
CA VAL A 228 -15.90 -12.77 9.12
CA VAL A 228 -15.97 -12.73 9.01
C VAL A 228 -14.83 -13.51 8.34
C VAL A 228 -14.84 -13.55 8.41
N ASN A 229 -15.21 -14.67 7.80
CA ASN A 229 -14.30 -15.44 6.95
C ASN A 229 -14.39 -14.83 5.53
N ALA A 230 -13.30 -14.32 5.02
CA ALA A 230 -13.22 -13.76 3.68
C ALA A 230 -12.41 -14.59 2.80
N THR A 231 -12.65 -14.52 1.49
CA THR A 231 -11.85 -15.28 0.51
C THR A 231 -10.95 -14.31 -0.21
N PHE A 232 -9.70 -14.73 -0.37
CA PHE A 232 -8.77 -14.01 -1.18
C PHE A 232 -8.25 -14.92 -2.29
N GLU A 233 -8.22 -14.42 -3.51
CA GLU A 233 -7.48 -15.03 -4.58
C GLU A 233 -5.99 -14.77 -4.39
N VAL A 234 -5.15 -15.76 -4.65
CA VAL A 234 -3.72 -15.65 -4.53
C VAL A 234 -3.16 -15.64 -5.94
N TRP A 235 -2.40 -14.65 -6.32
CA TRP A 235 -1.80 -14.48 -7.61
C TRP A 235 -0.28 -14.46 -7.44
N LYS A 236 0.46 -14.97 -8.42
CA LYS A 236 1.93 -14.97 -8.36
C LYS A 236 2.48 -14.58 -9.72
N ALA A 237 3.54 -13.79 -9.68
CA ALA A 237 4.19 -13.32 -10.91
C ALA A 237 5.70 -13.23 -10.64
N ASN A 238 6.45 -13.15 -11.74
CA ASN A 238 7.87 -12.79 -11.70
C ASN A 238 8.09 -11.60 -12.57
N ILE A 239 8.35 -10.46 -11.95
CA ILE A 239 8.31 -9.13 -12.62
C ILE A 239 9.60 -8.35 -12.34
N GLY A 240 10.72 -9.10 -12.27
CA GLY A 240 11.99 -8.43 -11.76
C GLY A 240 12.30 -8.87 -10.32
N TRP A 241 11.29 -9.42 -9.66
CA TRP A 241 11.29 -9.94 -8.28
C TRP A 241 10.04 -10.83 -8.24
N GLU A 242 9.92 -11.61 -7.20
CA GLU A 242 8.71 -12.46 -7.02
C GLU A 242 7.59 -11.60 -6.46
N TYR A 243 6.42 -11.71 -7.05
CA TYR A 243 5.25 -10.94 -6.68
C TYR A 243 4.18 -11.87 -6.23
N VAL A 244 3.60 -11.64 -5.09
CA VAL A 244 2.44 -12.43 -4.63
C VAL A 244 1.36 -11.40 -4.24
N ALA A 245 0.15 -11.55 -4.75
CA ALA A 245 -0.96 -10.66 -4.41
C ALA A 245 -2.13 -11.46 -3.92
N PHE A 246 -2.81 -10.94 -2.97
CA PHE A 246 -4.02 -11.51 -2.37
C PHE A 246 -5.15 -10.56 -2.69
N ARG A 247 -6.10 -10.93 -3.52
CA ARG A 247 -7.19 -10.07 -3.92
C ARG A 247 -8.45 -10.54 -3.34
N ILE A 248 -9.09 -9.70 -2.50
CA ILE A 248 -10.35 -10.12 -1.82
C ILE A 248 -11.38 -10.42 -2.91
N LYS A 249 -12.24 -11.43 -2.68
CA LYS A 249 -13.29 -11.70 -3.69
C LYS A 249 -14.50 -10.78 -3.54
N THR A 250 -14.63 -10.13 -2.41
CA THR A 250 -15.77 -9.22 -2.04
C THR A 250 -15.18 -7.86 -1.69
N PRO A 251 -14.96 -7.02 -2.64
CA PRO A 251 -14.29 -5.73 -2.39
C PRO A 251 -15.05 -4.89 -1.37
N ILE A 252 -14.27 -4.17 -0.57
CA ILE A 252 -14.83 -3.34 0.54
C ILE A 252 -14.44 -1.90 0.21
N LYS A 253 -15.40 -1.06 -0.19
CA LYS A 253 -15.14 0.31 -0.68
C LYS A 253 -14.95 1.28 0.43
N GLU A 254 -15.46 0.97 1.63
CA GLU A 254 -15.38 1.89 2.76
C GLU A 254 -15.64 1.14 4.05
N GLY A 255 -15.14 1.62 5.16
CA GLY A 255 -15.43 1.06 6.48
C GLY A 255 -14.19 0.85 7.28
N THR A 256 -14.28 -0.08 8.22
CA THR A 256 -13.15 -0.38 9.06
C THR A 256 -12.80 -1.84 8.89
N VAL A 257 -11.57 -2.14 8.50
CA VAL A 257 -11.19 -3.54 8.21
C VAL A 257 -9.94 -3.86 9.02
N THR A 258 -9.98 -5.01 9.70
CA THR A 258 -8.80 -5.55 10.37
C THR A 258 -8.39 -6.85 9.69
N ILE A 259 -7.10 -6.98 9.41
CA ILE A 259 -6.57 -8.22 8.83
C ILE A 259 -5.42 -8.71 9.65
N PRO A 260 -5.23 -10.04 9.72
CA PRO A 260 -4.04 -10.63 10.43
C PRO A 260 -2.91 -10.75 9.39
N TYR A 261 -1.83 -10.03 9.62
CA TYR A 261 -0.83 -9.89 8.56
C TYR A 261 -0.18 -11.20 8.28
N GLY A 262 0.07 -12.00 9.29
CA GLY A 262 0.79 -13.24 9.09
C GLY A 262 0.00 -14.28 8.28
N ALA A 263 -1.30 -14.16 8.18
CA ALA A 263 -2.03 -15.10 7.32
C ALA A 263 -1.55 -14.96 5.90
N PHE A 264 -1.22 -13.74 5.48
CA PHE A 264 -0.80 -13.42 4.13
C PHE A 264 0.66 -13.76 3.98
N ILE A 265 1.50 -13.31 4.91
CA ILE A 265 2.94 -13.58 4.73
C ILE A 265 3.21 -15.10 4.77
N SER A 266 2.44 -15.82 5.63
CA SER A 266 2.66 -17.29 5.67
C SER A 266 2.37 -17.96 4.36
N VAL A 267 1.29 -17.55 3.70
CA VAL A 267 0.99 -18.10 2.37
C VAL A 267 2.01 -17.64 1.33
N ALA A 268 2.44 -16.38 1.38
CA ALA A 268 3.47 -15.93 0.45
C ALA A 268 4.77 -16.70 0.63
N ALA A 269 5.09 -17.05 1.89
CA ALA A 269 6.31 -17.87 2.13
C ALA A 269 6.11 -19.27 1.57
N ASN A 270 4.92 -19.84 1.77
CA ASN A 270 4.69 -21.22 1.41
C ASN A 270 4.68 -21.45 -0.09
N ILE A 271 4.22 -20.48 -0.86
CA ILE A 271 4.23 -20.57 -2.30
C ILE A 271 5.44 -20.00 -2.99
N SER A 272 6.35 -19.44 -2.21
CA SER A 272 7.49 -18.78 -2.80
C SER A 272 8.45 -19.76 -3.44
N SER A 273 9.10 -19.32 -4.53
CA SER A 273 10.21 -20.04 -5.14
C SER A 273 11.54 -19.51 -4.62
N LEU A 274 11.56 -18.52 -3.72
CA LEU A 274 12.80 -17.89 -3.26
C LEU A 274 13.51 -18.79 -2.27
N PRO A 275 14.84 -18.75 -2.29
CA PRO A 275 15.56 -19.52 -1.24
C PRO A 275 15.57 -18.76 0.07
N ASN A 276 15.68 -19.48 1.21
CA ASN A 276 15.87 -18.88 2.52
C ASN A 276 14.88 -17.76 2.76
N TYR A 277 13.63 -18.03 2.56
CA TYR A 277 12.59 -17.02 2.63
C TYR A 277 12.60 -16.36 3.99
N THR A 278 12.73 -17.12 5.09
CA THR A 278 12.54 -16.52 6.41
C THR A 278 13.71 -15.66 6.84
N GLU A 279 14.76 -15.57 6.05
CA GLU A 279 15.83 -14.59 6.27
C GLU A 279 15.51 -13.26 5.68
N LEU A 280 14.47 -13.13 4.87
CA LEU A 280 14.11 -11.80 4.32
C LEU A 280 13.61 -10.87 5.41
N TYR A 281 13.79 -9.58 5.16
CA TYR A 281 13.27 -8.53 6.09
C TYR A 281 11.97 -7.99 5.54
N LEU A 282 10.95 -7.96 6.41
N LEU A 282 10.96 -7.97 6.39
CA LEU A 282 9.70 -7.23 6.09
CA LEU A 282 9.72 -7.26 6.08
C LEU A 282 10.01 -5.77 6.29
C LEU A 282 10.01 -5.79 6.29
N GLU A 283 10.14 -5.06 5.18
CA GLU A 283 10.66 -3.66 5.26
C GLU A 283 9.62 -2.70 5.81
N ASP A 284 8.37 -2.88 5.40
CA ASP A 284 7.34 -1.82 5.55
C ASP A 284 5.97 -2.39 5.39
N VAL A 285 4.97 -1.57 5.67
CA VAL A 285 3.54 -1.82 5.36
C VAL A 285 3.05 -0.53 4.71
N GLU A 286 2.67 -0.61 3.46
CA GLU A 286 2.21 0.52 2.67
C GLU A 286 0.73 0.39 2.43
N ILE A 287 -0.01 1.49 2.43
CA ILE A 287 -1.46 1.48 2.22
C ILE A 287 -1.77 2.56 1.20
N GLY A 288 -2.41 2.20 0.08
CA GLY A 288 -2.66 3.24 -0.91
C GLY A 288 -3.59 2.74 -1.96
N THR A 289 -3.76 3.56 -2.99
CA THR A 289 -4.68 3.17 -4.08
C THR A 289 -3.93 3.22 -5.38
N GLU A 290 -3.63 2.06 -5.97
CA GLU A 290 -3.06 2.06 -7.32
C GLU A 290 -4.23 2.38 -8.26
N PHE A 291 -3.92 3.10 -9.35
CA PHE A 291 -5.00 3.47 -10.27
C PHE A 291 -4.52 3.55 -11.69
N GLY A 292 -5.46 3.43 -12.60
CA GLY A 292 -5.21 3.61 -14.01
C GLY A 292 -4.71 2.36 -14.73
N THR A 293 -4.84 2.46 -16.05
CA THR A 293 -4.38 1.47 -17.01
C THR A 293 -3.79 2.23 -18.14
N PRO A 294 -3.11 1.60 -19.11
CA PRO A 294 -2.51 2.34 -20.22
C PRO A 294 -3.51 3.03 -21.10
N SER A 295 -4.78 2.59 -21.05
N SER A 295 -4.79 2.68 -21.06
CA SER A 295 -5.90 3.24 -21.76
CA SER A 295 -5.81 3.42 -21.85
C SER A 295 -6.43 4.48 -21.06
C SER A 295 -6.68 4.35 -20.96
N THR A 296 -6.21 4.62 -19.75
CA THR A 296 -6.84 5.64 -18.95
C THR A 296 -6.13 6.95 -19.18
N THR A 297 -6.84 8.02 -19.57
CA THR A 297 -6.26 9.34 -19.78
C THR A 297 -6.70 10.38 -18.77
N SER A 298 -7.76 10.08 -18.03
N SER A 298 -7.76 10.05 -18.01
CA SER A 298 -8.19 10.97 -16.97
CA SER A 298 -8.31 10.94 -17.01
C SER A 298 -8.39 10.13 -15.72
C SER A 298 -8.48 10.15 -15.71
N ALA A 299 -8.08 10.67 -14.57
CA ALA A 299 -8.15 9.92 -13.28
C ALA A 299 -8.52 10.87 -12.20
N HIS A 300 -9.79 10.89 -11.82
CA HIS A 300 -10.33 11.73 -10.72
C HIS A 300 -10.71 10.77 -9.60
N LEU A 301 -10.24 11.09 -8.39
CA LEU A 301 -10.35 10.18 -7.27
C LEU A 301 -10.24 10.98 -6.01
N GLU A 302 -11.01 10.60 -4.98
CA GLU A 302 -10.85 11.15 -3.66
C GLU A 302 -10.89 9.98 -2.68
N TRP A 303 -10.16 10.08 -1.59
CA TRP A 303 -10.32 9.08 -0.53
C TRP A 303 -9.90 9.69 0.78
N TRP A 304 -10.23 8.96 1.84
CA TRP A 304 -9.90 9.38 3.21
C TRP A 304 -9.46 8.11 3.95
N ILE A 305 -8.45 8.29 4.82
CA ILE A 305 -8.06 7.26 5.78
C ILE A 305 -8.03 7.90 7.14
N THR A 306 -8.70 7.31 8.14
CA THR A 306 -8.96 8.04 9.51
C THR A 306 -8.21 7.32 10.56
N ASN A 307 -7.80 6.08 10.29
CA ASN A 307 -7.00 5.46 11.38
C ASN A 307 -6.24 4.29 10.72
N ILE A 308 -5.04 4.14 11.18
CA ILE A 308 -4.25 2.98 10.87
C ILE A 308 -3.65 2.54 12.17
N THR A 309 -3.85 1.28 12.52
CA THR A 309 -3.28 0.75 13.77
C THR A 309 -2.66 -0.60 13.48
N LEU A 310 -1.46 -0.79 14.00
CA LEU A 310 -0.78 -2.09 13.97
C LEU A 310 -0.80 -2.64 15.40
N THR A 311 -1.33 -3.82 15.61
CA THR A 311 -1.47 -4.37 16.97
C THR A 311 -0.70 -5.66 17.06
N PRO A 312 0.35 -5.72 17.87
CA PRO A 312 1.10 -6.98 17.99
C PRO A 312 0.34 -8.16 18.59
N LEU A 313 0.61 -9.36 18.10
CA LEU A 313 0.01 -10.64 18.58
C LEU A 313 1.09 -11.44 19.26
N ASP A 314 0.71 -12.39 20.08
CA ASP A 314 1.89 -13.01 20.70
C ASP A 314 2.18 -14.32 20.08
N ARG A 315 2.60 -14.22 18.84
CA ARG A 315 2.81 -15.40 18.06
C ARG A 315 3.76 -15.00 16.87
N PRO A 316 4.44 -15.97 16.27
CA PRO A 316 5.30 -15.68 15.11
C PRO A 316 4.50 -15.22 13.93
N LEU A 317 5.09 -14.35 13.14
CA LEU A 317 4.47 -13.92 11.88
C LEU A 317 4.21 -15.07 10.97
N ILE A 318 5.17 -15.99 10.86
CA ILE A 318 5.03 -17.14 9.93
C ILE A 318 4.60 -18.38 10.67
N SER A 319 3.45 -18.97 10.26
CA SER A 319 2.99 -20.26 10.79
C SER A 319 2.22 -20.83 9.60
#